data_6CFP
#
_entry.id   6CFP
#
_cell.length_a   68.820
_cell.length_b   68.820
_cell.length_c   397.820
_cell.angle_alpha   90.00
_cell.angle_beta   90.00
_cell.angle_gamma   120.00
#
_symmetry.space_group_name_H-M   'P 65 2 2'
#
loop_
_entity.id
_entity.type
_entity.pdbx_description
1 polymer 'Ubiquitin-like protein SMT3,Polymerase acidic protein'
2 non-polymer 1-{1-[(4-fluorophenyl)methyl]-2-methyl-1H-imidazol-4-yl}ethan-1-one
3 non-polymer 'DIMETHYL SULFOXIDE'
4 water water
#
_entity_poly.entity_id   1
_entity_poly.type   'polypeptide(L)'
_entity_poly.pdbx_seq_one_letter_code
;MGHHHHHHSGEVKPEVKPETHINLKVSDGSSEIFFKIKKTTPLRRLMEAFAKRQGKEMDSLRFLYDGIRIQADQTPEDLD
MEDNDIIEAHREQIGGNARIEPFLKSTPRPLRLPDGPPCSQRSKFLLMDALKLSIEDPSHEGEGIPLYDAIKCMRTFFGW
KEPNVVKPHEKGINPNYLLSWKQVLAELQDIENEEKIPRTKNMKKTSQLKWALGENMAPEKVDFDDCKDVGDLKQYDSDE
PELRSLASWIQNEFNKACELTDSSWIELDEIGEDAAPIEHIASMRRNYFTAEVSHCRATEYIMKGVYINTALLNASCAAM
DDFQLIPMISKCRTKEGRRKTNLYGFIIKGRSHLRNDTDVVNFVSMEFSLTDPRLEPHKWEKYCVLEVGDMLLRSAIGHV
SRPMFLYVRTNGTSKIKMKWGMEMRRCLLQSLQQIESMIEAESSVKEKDMTKEFFENKSETWPVGESPKGVEEGSIGKVC
RTLLAKSVFNSLYASPQLEGFSAESRKLLLIVQALRDNLEPGTFDLGGLYEAIEECLINDPWVLLNASWFNSFLTHALR
;
_entity_poly.pdbx_strand_id   A
#
# COMPACT_ATOMS: atom_id res chain seq x y z
N ARG A 109 -27.58 13.05 14.71
CA ARG A 109 -27.86 12.53 13.37
C ARG A 109 -26.63 11.94 12.71
N PRO A 110 -26.61 10.62 12.50
CA PRO A 110 -25.52 10.00 11.76
C PRO A 110 -25.40 10.54 10.35
N LEU A 111 -24.17 10.55 9.84
CA LEU A 111 -23.94 10.90 8.44
C LEU A 111 -24.62 9.87 7.54
N ARG A 112 -25.23 10.35 6.46
CA ARG A 112 -25.86 9.44 5.50
C ARG A 112 -24.81 9.01 4.50
N LEU A 113 -24.48 7.72 4.50
CA LEU A 113 -23.56 7.19 3.51
C LEU A 113 -24.31 6.90 2.20
N PRO A 114 -23.62 6.92 1.06
CA PRO A 114 -24.34 6.85 -0.21
C PRO A 114 -24.72 5.42 -0.60
N ASP A 115 -25.88 5.29 -1.23
CA ASP A 115 -26.33 4.02 -1.77
C ASP A 115 -25.75 3.81 -3.17
N GLY A 116 -25.56 2.55 -3.53
CA GLY A 116 -25.13 2.24 -4.87
C GLY A 116 -24.31 0.99 -4.92
N PRO A 117 -23.75 0.69 -6.09
CA PRO A 117 -22.88 -0.48 -6.21
C PRO A 117 -21.74 -0.40 -5.22
N PRO A 118 -21.17 -1.55 -4.83
CA PRO A 118 -20.04 -1.53 -3.88
C PRO A 118 -18.83 -0.80 -4.44
N CYS A 119 -18.08 -0.16 -3.54
CA CYS A 119 -16.86 0.52 -3.97
C CYS A 119 -15.80 -0.50 -4.34
N SER A 120 -14.83 -0.06 -5.14
CA SER A 120 -13.84 -0.95 -5.73
C SER A 120 -12.43 -0.47 -5.40
N GLN A 121 -11.47 -1.38 -5.57
CA GLN A 121 -10.08 -1.06 -5.25
C GLN A 121 -9.55 0.07 -6.15
N ARG A 122 -8.80 1.00 -5.53
CA ARG A 122 -8.20 2.10 -6.27
C ARG A 122 -6.79 2.43 -5.78
N SER A 123 -6.14 1.57 -5.00
CA SER A 123 -4.74 1.81 -4.67
C SER A 123 -3.85 1.66 -5.91
N LYS A 124 -2.64 2.24 -5.82
CA LYS A 124 -1.66 2.14 -6.89
C LYS A 124 -1.04 0.74 -7.01
N PHE A 125 -1.16 -0.09 -5.98
CA PHE A 125 -0.68 -1.47 -6.04
C PHE A 125 -1.53 -2.29 -5.06
N LEU A 126 -1.46 -3.61 -5.21
CA LEU A 126 -2.22 -4.49 -4.32
C LEU A 126 -1.75 -4.31 -2.87
N LEU A 127 -2.71 -4.46 -1.94
CA LEU A 127 -2.42 -4.38 -0.50
C LEU A 127 -2.52 -5.78 0.07
N MET A 128 -3.63 -6.14 0.75
CA MET A 128 -3.72 -7.47 1.36
C MET A 128 -3.62 -8.61 0.36
N ASP A 129 -3.88 -8.36 -0.92
CA ASP A 129 -3.94 -9.44 -1.90
C ASP A 129 -2.61 -9.70 -2.60
N ALA A 130 -1.58 -8.93 -2.29
CA ALA A 130 -0.30 -9.14 -2.98
C ALA A 130 0.28 -10.51 -2.66
N LEU A 131 1.16 -10.97 -3.53
CA LEU A 131 1.87 -12.24 -3.41
C LEU A 131 3.32 -12.01 -3.84
N LYS A 132 4.26 -12.59 -3.11
CA LYS A 132 5.69 -12.35 -3.29
C LYS A 132 6.37 -13.61 -3.78
N LEU A 133 7.18 -13.48 -4.81
CA LEU A 133 8.22 -14.46 -5.10
C LEU A 133 9.52 -13.90 -4.54
N SER A 134 10.23 -14.69 -3.75
CA SER A 134 11.35 -14.18 -2.98
C SER A 134 12.61 -15.04 -3.11
N ILE A 135 13.74 -14.43 -2.79
CA ILE A 135 15.04 -15.08 -2.72
C ILE A 135 15.77 -14.60 -1.48
N GLU A 136 16.66 -15.44 -0.97
CA GLU A 136 17.62 -15.04 0.06
C GLU A 136 18.79 -14.36 -0.64
N ASP A 137 18.86 -13.03 -0.53
CA ASP A 137 19.77 -12.47 -1.52
C ASP A 137 21.20 -12.46 -1.01
N PRO A 138 22.16 -12.81 -1.89
CA PRO A 138 23.60 -12.81 -1.62
C PRO A 138 24.10 -11.51 -0.97
N GLY A 144 21.39 -6.53 -6.30
CA GLY A 144 21.09 -5.12 -6.08
C GLY A 144 20.65 -4.36 -7.32
N ILE A 145 20.48 -5.07 -8.42
CA ILE A 145 20.01 -4.51 -9.69
C ILE A 145 18.61 -5.05 -9.94
N PRO A 146 17.57 -4.19 -9.91
CA PRO A 146 16.18 -4.67 -9.91
C PRO A 146 15.86 -5.77 -10.91
N LEU A 147 16.35 -5.64 -12.14
CA LEU A 147 15.95 -6.58 -13.17
C LEU A 147 16.57 -7.95 -12.95
N TYR A 148 17.85 -7.99 -12.53
CA TYR A 148 18.49 -9.25 -12.17
C TYR A 148 17.75 -9.91 -11.00
N ASP A 149 17.47 -9.14 -9.94
CA ASP A 149 16.72 -9.67 -8.82
C ASP A 149 15.36 -10.21 -9.26
N ALA A 150 14.69 -9.51 -10.19
CA ALA A 150 13.37 -9.96 -10.62
C ALA A 150 13.45 -11.30 -11.36
N ILE A 151 14.44 -11.44 -12.23
CA ILE A 151 14.55 -12.68 -13.00
C ILE A 151 14.85 -13.84 -12.07
N LYS A 152 15.74 -13.63 -11.10
CA LYS A 152 16.03 -14.69 -10.14
C LYS A 152 14.78 -15.05 -9.33
N CYS A 153 13.98 -14.05 -8.96
CA CYS A 153 12.71 -14.34 -8.28
C CYS A 153 11.79 -15.17 -9.16
N MET A 154 11.63 -14.78 -10.43
CA MET A 154 10.81 -15.58 -11.36
C MET A 154 11.28 -17.03 -11.43
N ARG A 155 12.59 -17.23 -11.53
CA ARG A 155 13.14 -18.58 -11.63
C ARG A 155 12.93 -19.44 -10.40
N THR A 156 12.44 -18.90 -9.28
CA THR A 156 12.15 -19.76 -8.13
C THR A 156 10.83 -20.50 -8.28
N PHE A 157 9.99 -20.13 -9.24
CA PHE A 157 8.65 -20.66 -9.38
C PHE A 157 8.59 -21.54 -10.63
N PHE A 158 8.02 -22.73 -10.47
CA PHE A 158 7.93 -23.71 -11.55
C PHE A 158 6.49 -24.06 -11.89
N GLY A 159 5.52 -23.32 -11.38
CA GLY A 159 4.12 -23.61 -11.59
C GLY A 159 3.44 -22.76 -12.64
N TRP A 160 4.20 -22.01 -13.44
CA TRP A 160 3.62 -21.19 -14.50
C TRP A 160 2.86 -22.07 -15.48
N LYS A 161 1.94 -21.45 -16.21
CA LYS A 161 1.19 -22.15 -17.24
C LYS A 161 0.61 -21.10 -18.18
N GLU A 162 0.12 -21.56 -19.32
CA GLU A 162 -0.44 -20.68 -20.33
C GLU A 162 -1.50 -19.78 -19.71
N PRO A 163 -1.34 -18.46 -19.74
CA PRO A 163 -2.26 -17.59 -19.01
C PRO A 163 -3.58 -17.41 -19.75
N ASN A 164 -4.65 -17.19 -18.97
CA ASN A 164 -5.96 -16.91 -19.54
C ASN A 164 -6.71 -15.95 -18.62
N VAL A 165 -7.64 -15.20 -19.21
CA VAL A 165 -8.48 -14.28 -18.46
C VAL A 165 -9.48 -15.06 -17.63
N VAL A 166 -9.58 -14.76 -16.32
CA VAL A 166 -10.62 -15.35 -15.48
C VAL A 166 -11.56 -14.31 -14.90
N LYS A 167 -11.18 -13.03 -14.86
CA LYS A 167 -12.12 -11.96 -14.52
C LYS A 167 -11.85 -10.84 -15.52
N PRO A 168 -12.70 -10.70 -16.53
CA PRO A 168 -12.45 -9.67 -17.55
C PRO A 168 -12.64 -8.28 -16.97
N HIS A 169 -11.90 -7.34 -17.54
CA HIS A 169 -12.15 -5.92 -17.32
C HIS A 169 -13.33 -5.53 -18.18
N GLU A 170 -14.38 -4.97 -17.59
CA GLU A 170 -15.60 -4.79 -18.36
C GLU A 170 -15.53 -3.60 -19.33
N LYS A 171 -14.63 -2.64 -19.09
CA LYS A 171 -14.50 -1.48 -19.95
C LYS A 171 -13.23 -1.45 -20.80
N GLY A 172 -12.27 -2.35 -20.58
CA GLY A 172 -11.04 -2.38 -21.34
C GLY A 172 -10.99 -3.48 -22.40
N ILE A 173 -9.85 -3.53 -23.10
CA ILE A 173 -9.61 -4.50 -24.16
C ILE A 173 -8.83 -5.68 -23.56
N ASN A 174 -9.55 -6.71 -23.12
CA ASN A 174 -8.91 -7.81 -22.42
C ASN A 174 -7.86 -8.58 -23.23
N PRO A 175 -8.00 -8.81 -24.53
CA PRO A 175 -6.87 -9.43 -25.25
C PRO A 175 -5.57 -8.66 -25.13
N ASN A 176 -5.63 -7.34 -24.98
CA ASN A 176 -4.39 -6.57 -24.90
C ASN A 176 -3.68 -6.77 -23.57
N TYR A 177 -4.43 -6.95 -22.47
CA TYR A 177 -3.80 -7.26 -21.20
C TYR A 177 -3.14 -8.61 -21.25
N LEU A 178 -3.83 -9.61 -21.80
CA LEU A 178 -3.23 -10.92 -21.99
C LEU A 178 -1.96 -10.80 -22.84
N LEU A 179 -2.04 -10.10 -23.97
CA LEU A 179 -0.86 -9.99 -24.82
C LEU A 179 0.30 -9.30 -24.09
N SER A 180 -0.02 -8.40 -23.16
CA SER A 180 1.00 -7.64 -22.45
C SER A 180 1.74 -8.51 -21.45
N TRP A 181 1.04 -9.40 -20.75
CA TRP A 181 1.73 -10.30 -19.84
C TRP A 181 2.57 -11.31 -20.62
N LYS A 182 2.03 -11.84 -21.71
CA LYS A 182 2.81 -12.74 -22.54
C LYS A 182 4.03 -12.03 -23.12
N GLN A 183 3.94 -10.73 -23.35
CA GLN A 183 5.10 -9.99 -23.86
C GLN A 183 6.16 -9.81 -22.77
N VAL A 184 5.73 -9.53 -21.54
CA VAL A 184 6.68 -9.45 -20.42
C VAL A 184 7.48 -10.76 -20.32
N LEU A 185 6.79 -11.90 -20.26
CA LEU A 185 7.45 -13.18 -20.14
C LEU A 185 8.38 -13.45 -21.32
N ALA A 186 7.98 -13.02 -22.50
CA ALA A 186 8.81 -13.22 -23.68
C ALA A 186 10.05 -12.34 -23.62
N GLU A 187 9.90 -11.07 -23.24
CA GLU A 187 11.08 -10.19 -23.22
C GLU A 187 12.02 -10.53 -22.07
N LEU A 188 11.47 -10.99 -20.94
CA LEU A 188 12.33 -11.52 -19.88
C LEU A 188 13.06 -12.76 -20.35
N GLN A 189 12.39 -13.58 -21.15
CA GLN A 189 13.05 -14.75 -21.73
C GLN A 189 14.20 -14.34 -22.64
N ASP A 190 14.06 -13.23 -23.38
CA ASP A 190 15.16 -12.73 -24.20
C ASP A 190 16.35 -12.32 -23.35
N ILE A 191 16.08 -11.56 -22.27
CA ILE A 191 17.16 -11.13 -21.38
C ILE A 191 17.96 -12.32 -20.87
N GLU A 192 17.27 -13.41 -20.57
CA GLU A 192 17.94 -14.61 -20.09
C GLU A 192 18.85 -15.24 -21.14
N ASN A 193 18.63 -14.94 -22.42
CA ASN A 193 19.45 -15.51 -23.49
C ASN A 193 20.63 -14.63 -23.89
N GLU A 194 20.58 -13.33 -23.57
CA GLU A 194 21.73 -12.47 -23.80
C GLU A 194 22.82 -12.76 -22.77
N GLU A 195 24.09 -12.68 -23.21
CA GLU A 195 25.21 -13.07 -22.38
C GLU A 195 25.19 -12.34 -21.04
N LYS A 196 25.33 -11.02 -21.07
CA LYS A 196 25.11 -10.22 -19.86
C LYS A 196 23.61 -10.03 -19.64
N ILE A 197 23.26 -9.60 -18.43
CA ILE A 197 21.90 -9.20 -18.11
C ILE A 197 21.88 -7.66 -18.06
N PRO A 198 21.09 -7.00 -18.89
CA PRO A 198 21.12 -5.53 -18.92
C PRO A 198 20.58 -4.94 -17.63
N ARG A 199 20.94 -3.68 -17.39
CA ARG A 199 20.50 -3.00 -16.18
C ARG A 199 19.01 -2.67 -16.24
N THR A 200 18.52 -2.30 -17.41
CA THR A 200 17.11 -2.01 -17.63
C THR A 200 16.64 -2.65 -18.93
N LYS A 201 15.33 -2.72 -19.08
CA LYS A 201 14.69 -3.41 -20.18
C LYS A 201 13.60 -2.51 -20.72
N ASN A 202 13.75 -2.06 -21.96
CA ASN A 202 12.76 -1.22 -22.62
C ASN A 202 11.91 -2.06 -23.56
N MET A 203 10.61 -2.14 -23.28
CA MET A 203 9.71 -3.02 -24.04
C MET A 203 9.56 -2.53 -25.47
N LYS A 204 9.43 -3.50 -26.38
CA LYS A 204 8.98 -3.19 -27.73
C LYS A 204 7.66 -2.45 -27.66
N LYS A 205 7.51 -1.44 -28.53
CA LYS A 205 6.29 -0.65 -28.55
C LYS A 205 5.22 -1.36 -29.38
N THR A 206 4.76 -2.50 -28.86
CA THR A 206 3.70 -3.26 -29.49
C THR A 206 2.36 -2.51 -29.44
N SER A 207 1.41 -2.95 -30.27
CA SER A 207 0.07 -2.36 -30.28
C SER A 207 -0.67 -2.56 -28.94
N GLN A 208 -0.57 -3.75 -28.33
CA GLN A 208 -1.22 -3.96 -27.03
C GLN A 208 -0.70 -2.99 -25.97
N LEU A 209 0.61 -2.69 -25.98
CA LEU A 209 1.16 -1.76 -24.98
C LEU A 209 0.85 -0.32 -25.32
N LYS A 210 0.85 0.05 -26.61
CA LYS A 210 0.41 1.39 -26.97
C LYS A 210 -1.03 1.64 -26.53
N TRP A 211 -1.91 0.64 -26.69
CA TRP A 211 -3.29 0.80 -26.26
C TRP A 211 -3.34 0.93 -24.73
N ALA A 212 -2.67 0.04 -24.02
CA ALA A 212 -2.78 0.01 -22.57
C ALA A 212 -2.13 1.23 -21.93
N LEU A 213 -1.18 1.88 -22.59
CA LEU A 213 -0.51 3.05 -22.04
C LEU A 213 -1.08 4.36 -22.59
N GLY A 214 -2.09 4.30 -23.46
CA GLY A 214 -2.80 5.49 -23.91
C GLY A 214 -2.11 6.32 -24.96
N GLU A 215 -1.53 5.69 -25.97
CA GLU A 215 -0.79 6.40 -27.03
C GLU A 215 -1.45 6.30 -28.40
N GLU A 242 -20.07 9.24 -9.81
CA GLU A 242 -20.98 8.13 -9.55
C GLU A 242 -20.91 7.67 -8.10
N LEU A 243 -22.07 7.40 -7.51
CA LEU A 243 -22.12 7.01 -6.11
C LEU A 243 -21.79 5.53 -5.95
N ARG A 244 -20.97 5.23 -4.94
CA ARG A 244 -20.63 3.87 -4.56
C ARG A 244 -20.81 3.71 -3.05
N SER A 245 -21.34 2.57 -2.65
CA SER A 245 -21.57 2.28 -1.24
C SER A 245 -20.36 1.58 -0.63
N LEU A 246 -20.30 1.62 0.71
CA LEU A 246 -19.22 0.99 1.45
C LEU A 246 -19.30 -0.53 1.35
N ALA A 247 -18.20 -1.15 0.95
CA ALA A 247 -18.10 -2.61 0.96
C ALA A 247 -17.18 -3.04 2.12
N SER A 248 -17.37 -4.28 2.59
CA SER A 248 -16.61 -4.78 3.74
C SER A 248 -15.10 -4.89 3.46
N TRP A 249 -14.67 -5.00 2.20
CA TRP A 249 -13.26 -5.28 1.93
C TRP A 249 -12.34 -4.19 2.46
N ILE A 250 -12.79 -2.93 2.51
CA ILE A 250 -11.83 -1.88 2.88
C ILE A 250 -11.52 -1.95 4.37
N GLN A 251 -12.52 -2.26 5.20
CA GLN A 251 -12.24 -2.53 6.62
C GLN A 251 -11.30 -3.73 6.77
N ASN A 252 -11.51 -4.76 5.95
CA ASN A 252 -10.61 -5.92 6.00
C ASN A 252 -9.19 -5.55 5.60
N GLU A 253 -9.05 -4.70 4.57
CA GLU A 253 -7.74 -4.17 4.23
C GLU A 253 -7.11 -3.48 5.44
N PHE A 254 -7.88 -2.64 6.13
CA PHE A 254 -7.32 -1.92 7.25
C PHE A 254 -6.91 -2.85 8.39
N ASN A 255 -7.73 -3.87 8.70
CA ASN A 255 -7.34 -4.86 9.70
C ASN A 255 -6.04 -5.55 9.29
N LYS A 256 -5.92 -5.94 8.02
CA LYS A 256 -4.71 -6.59 7.54
C LYS A 256 -3.50 -5.68 7.71
N ALA A 257 -3.67 -4.39 7.44
CA ALA A 257 -2.55 -3.46 7.54
C ALA A 257 -2.04 -3.34 8.98
N CYS A 258 -2.91 -3.58 9.97
CA CYS A 258 -2.46 -3.46 11.36
C CYS A 258 -1.68 -4.69 11.85
N GLU A 259 -1.73 -5.82 11.14
CA GLU A 259 -1.15 -7.05 11.64
C GLU A 259 0.37 -7.00 11.62
N LEU A 260 0.97 -7.95 12.34
CA LEU A 260 2.39 -8.20 12.29
C LEU A 260 2.70 -9.26 11.24
N THR A 261 3.74 -9.03 10.46
CA THR A 261 4.28 -10.04 9.57
C THR A 261 5.43 -10.74 10.28
N ASP A 262 5.91 -11.81 9.68
CA ASP A 262 7.05 -12.53 10.25
C ASP A 262 8.39 -11.95 9.81
N SER A 263 8.41 -10.79 9.14
CA SER A 263 9.65 -10.18 8.66
C SER A 263 9.71 -8.72 9.07
N SER A 264 10.94 -8.20 9.25
CA SER A 264 11.14 -6.78 9.51
C SER A 264 11.43 -6.03 8.21
N TRP A 265 10.87 -4.83 8.10
CA TRP A 265 10.88 -4.06 6.88
C TRP A 265 11.69 -2.78 6.99
N ILE A 266 12.16 -2.42 8.18
CA ILE A 266 12.95 -1.21 8.37
C ILE A 266 14.10 -1.51 9.32
N GLU A 267 15.18 -0.76 9.15
CA GLU A 267 16.31 -0.83 10.05
C GLU A 267 15.98 -0.15 11.36
N LEU A 268 16.82 -0.41 12.36
CA LEU A 268 16.56 0.09 13.71
C LEU A 268 16.54 1.62 13.74
N ASP A 269 17.42 2.26 12.97
CA ASP A 269 17.51 3.71 12.93
C ASP A 269 16.80 4.30 11.70
N GLU A 270 15.73 3.65 11.25
CA GLU A 270 15.04 4.11 10.06
C GLU A 270 14.29 5.42 10.29
N ILE A 271 13.71 5.58 11.46
CA ILE A 271 12.79 6.67 11.73
C ILE A 271 13.58 7.91 12.14
N GLY A 272 13.30 9.03 11.49
CA GLY A 272 13.93 10.27 11.89
C GLY A 272 14.88 10.78 10.83
N GLU A 273 15.16 12.10 10.92
CA GLU A 273 16.02 12.81 9.98
C GLU A 273 17.08 13.62 10.72
N ASP A 274 17.35 13.32 11.98
CA ASP A 274 18.05 14.26 12.83
C ASP A 274 19.50 14.43 12.42
N ALA A 275 19.95 15.70 12.42
CA ALA A 275 21.33 16.02 12.09
C ALA A 275 22.27 15.62 13.21
N ALA A 276 21.89 15.92 14.44
CA ALA A 276 22.67 15.58 15.63
C ALA A 276 22.19 14.26 16.21
N PRO A 277 22.92 13.71 17.17
CA PRO A 277 22.38 12.59 17.96
C PRO A 277 21.16 13.01 18.79
N ILE A 278 20.19 12.11 18.90
CA ILE A 278 18.97 12.38 19.65
C ILE A 278 19.22 12.22 21.14
N GLU A 279 18.48 12.99 21.94
CA GLU A 279 18.59 12.91 23.39
C GLU A 279 18.09 11.53 23.87
N HIS A 280 18.31 11.26 25.15
CA HIS A 280 18.10 9.92 25.69
C HIS A 280 16.64 9.49 25.61
N ILE A 281 15.73 10.34 26.08
CA ILE A 281 14.31 10.00 26.05
C ILE A 281 13.83 9.81 24.62
N ALA A 282 14.24 10.69 23.71
CA ALA A 282 13.82 10.54 22.32
C ALA A 282 14.28 9.20 21.77
N SER A 283 15.51 8.78 22.11
CA SER A 283 16.02 7.49 21.67
C SER A 283 15.16 6.35 22.19
N MET A 284 14.95 6.29 23.50
CA MET A 284 14.10 5.27 24.12
C MET A 284 12.74 5.16 23.41
N ARG A 285 12.09 6.30 23.20
CA ARG A 285 10.77 6.30 22.56
C ARG A 285 10.84 5.73 21.14
N ARG A 286 11.88 6.08 20.39
CA ARG A 286 11.97 5.57 19.03
C ARG A 286 12.25 4.08 19.01
N ASN A 287 13.07 3.60 19.97
CA ASN A 287 13.36 2.17 20.01
C ASN A 287 12.13 1.36 20.37
N TYR A 288 11.38 1.80 21.39
CA TYR A 288 10.12 1.13 21.72
C TYR A 288 9.17 1.12 20.55
N PHE A 289 8.95 2.29 19.93
CA PHE A 289 8.02 2.39 18.81
C PHE A 289 8.45 1.49 17.65
N THR A 290 9.74 1.55 17.28
CA THR A 290 10.25 0.75 16.16
C THR A 290 10.07 -0.73 16.43
N ALA A 291 10.32 -1.17 17.67
CA ALA A 291 10.12 -2.56 18.03
C ALA A 291 8.71 -3.03 17.74
N GLU A 292 7.72 -2.12 17.84
CA GLU A 292 6.32 -2.46 17.64
C GLU A 292 5.86 -2.36 16.18
N VAL A 293 6.50 -1.53 15.36
CA VAL A 293 6.02 -1.34 13.98
C VAL A 293 6.96 -1.89 12.92
N SER A 294 8.20 -2.27 13.29
CA SER A 294 9.14 -2.72 12.27
C SER A 294 8.65 -3.94 11.49
N HIS A 295 7.87 -4.81 12.11
CA HIS A 295 7.34 -5.99 11.42
C HIS A 295 5.94 -5.79 10.89
N CYS A 296 5.35 -4.62 11.14
CA CYS A 296 3.95 -4.38 10.81
C CYS A 296 3.72 -4.38 9.30
N ARG A 297 2.60 -4.97 8.88
CA ARG A 297 2.26 -5.00 7.46
C ARG A 297 2.18 -3.61 6.85
N ALA A 298 1.68 -2.63 7.62
CA ALA A 298 1.62 -1.28 7.08
C ALA A 298 3.01 -0.76 6.73
N THR A 299 4.04 -1.26 7.43
CA THR A 299 5.41 -0.85 7.14
C THR A 299 5.91 -1.49 5.86
N GLU A 300 5.47 -2.71 5.56
CA GLU A 300 5.76 -3.29 4.26
C GLU A 300 5.16 -2.45 3.13
N TYR A 301 3.94 -1.94 3.32
CA TYR A 301 3.34 -1.06 2.30
C TYR A 301 4.15 0.22 2.14
N ILE A 302 4.64 0.78 3.25
CA ILE A 302 5.50 1.96 3.17
C ILE A 302 6.70 1.71 2.26
N MET A 303 7.43 0.62 2.53
CA MET A 303 8.67 0.38 1.82
C MET A 303 8.43 -0.07 0.38
N LYS A 304 7.44 -0.93 0.17
CA LYS A 304 6.97 -1.24 -1.17
C LYS A 304 6.65 0.04 -1.92
N GLY A 305 5.87 0.92 -1.29
CA GLY A 305 5.50 2.17 -1.95
C GLY A 305 6.70 3.05 -2.22
N VAL A 306 7.63 3.14 -1.28
CA VAL A 306 8.82 3.95 -1.50
C VAL A 306 9.61 3.41 -2.69
N TYR A 307 9.79 2.10 -2.77
CA TYR A 307 10.57 1.50 -3.85
CA TYR A 307 10.58 1.51 -3.85
C TYR A 307 9.96 1.78 -5.22
N ILE A 308 8.68 1.43 -5.39
CA ILE A 308 8.11 1.53 -6.74
C ILE A 308 7.98 2.99 -7.17
N ASN A 309 7.72 3.90 -6.22
CA ASN A 309 7.63 5.31 -6.59
C ASN A 309 8.99 5.88 -6.98
N THR A 310 10.05 5.48 -6.27
CA THR A 310 11.40 5.90 -6.62
C THR A 310 11.80 5.36 -7.99
N ALA A 311 11.50 4.08 -8.23
CA ALA A 311 11.88 3.46 -9.50
C ALA A 311 11.10 4.10 -10.65
N LEU A 312 9.81 4.33 -10.49
CA LEU A 312 9.02 4.95 -11.55
C LEU A 312 9.46 6.38 -11.77
N LEU A 313 9.65 7.16 -10.70
CA LEU A 313 10.06 8.54 -10.86
C LEU A 313 11.43 8.63 -11.52
N ASN A 314 12.37 7.77 -11.09
CA ASN A 314 13.66 7.78 -11.74
C ASN A 314 13.55 7.40 -13.22
N ALA A 315 12.73 6.40 -13.55
CA ALA A 315 12.57 6.01 -14.96
C ALA A 315 11.94 7.12 -15.78
N SER A 316 11.11 7.94 -15.14
CA SER A 316 10.36 8.97 -15.85
C SER A 316 11.27 10.06 -16.42
N CYS A 317 12.42 10.31 -15.80
CA CYS A 317 13.31 11.29 -16.39
C CYS A 317 14.55 10.68 -17.03
N ALA A 318 14.85 9.41 -16.75
CA ALA A 318 16.00 8.73 -17.37
C ALA A 318 15.64 7.95 -18.63
N ALA A 319 14.36 7.66 -18.86
CA ALA A 319 13.93 6.89 -20.02
C ALA A 319 12.58 7.45 -20.48
N MET A 320 12.58 8.73 -20.84
CA MET A 320 11.35 9.46 -21.08
C MET A 320 10.51 8.82 -22.18
N ASP A 321 11.15 8.31 -23.24
CA ASP A 321 10.42 7.82 -24.39
C ASP A 321 10.24 6.32 -24.42
N ASP A 322 10.77 5.61 -23.44
CA ASP A 322 10.78 4.15 -23.43
C ASP A 322 9.61 3.60 -22.61
N PHE A 323 9.03 2.51 -23.10
CA PHE A 323 8.11 1.69 -22.31
C PHE A 323 8.97 0.80 -21.42
N GLN A 324 9.41 1.33 -20.30
CA GLN A 324 10.35 0.59 -19.50
C GLN A 324 9.64 -0.38 -18.55
N LEU A 325 10.20 -1.58 -18.45
CA LEU A 325 9.73 -2.65 -17.56
C LEU A 325 10.32 -2.43 -16.18
N ILE A 326 9.47 -2.14 -15.20
CA ILE A 326 9.93 -1.76 -13.87
C ILE A 326 9.47 -2.81 -12.86
N PRO A 327 10.37 -3.64 -12.35
CA PRO A 327 9.99 -4.63 -11.35
C PRO A 327 9.50 -3.97 -10.07
N MET A 328 8.49 -4.59 -9.44
CA MET A 328 8.00 -4.17 -8.13
C MET A 328 8.69 -5.01 -7.06
N ILE A 329 9.54 -4.38 -6.27
CA ILE A 329 10.43 -5.07 -5.35
C ILE A 329 10.32 -4.45 -3.96
N SER A 330 10.49 -5.29 -2.94
CA SER A 330 10.75 -4.83 -1.58
C SER A 330 11.83 -5.73 -1.00
N LYS A 331 12.35 -5.33 0.17
CA LYS A 331 13.38 -6.06 0.86
C LYS A 331 13.04 -6.14 2.34
N CYS A 332 13.32 -7.29 2.96
CA CYS A 332 13.02 -7.49 4.37
C CYS A 332 14.05 -8.43 4.97
N ARG A 333 13.99 -8.60 6.28
CA ARG A 333 14.87 -9.53 7.00
C ARG A 333 14.02 -10.46 7.86
N THR A 334 14.23 -11.77 7.70
CA THR A 334 13.44 -12.76 8.40
C THR A 334 13.76 -12.72 9.89
N LYS A 335 12.93 -13.41 10.68
CA LYS A 335 13.14 -13.44 12.12
C LYS A 335 14.53 -13.97 12.47
N GLU A 336 15.12 -14.78 11.60
CA GLU A 336 16.42 -15.38 11.84
C GLU A 336 17.58 -14.55 11.29
N GLY A 337 17.30 -13.33 10.81
CA GLY A 337 18.33 -12.45 10.30
C GLY A 337 18.62 -12.55 8.83
N ARG A 338 17.94 -13.44 8.10
CA ARG A 338 18.23 -13.63 6.69
C ARG A 338 17.61 -12.50 5.85
N ARG A 339 18.43 -11.91 4.99
CA ARG A 339 17.96 -10.87 4.06
C ARG A 339 17.19 -11.52 2.92
N LYS A 340 16.05 -10.93 2.55
CA LYS A 340 15.23 -11.44 1.46
C LYS A 340 14.88 -10.33 0.48
N THR A 341 14.83 -10.66 -0.81
CA THR A 341 14.38 -9.75 -1.86
C THR A 341 13.08 -10.28 -2.44
N ASN A 342 12.06 -9.41 -2.54
CA ASN A 342 10.71 -9.82 -2.89
C ASN A 342 10.28 -9.21 -4.21
N LEU A 343 9.66 -10.02 -5.07
CA LEU A 343 9.06 -9.52 -6.31
C LEU A 343 7.54 -9.66 -6.23
N TYR A 344 6.82 -8.53 -6.31
CA TYR A 344 5.35 -8.51 -6.32
C TYR A 344 4.77 -8.54 -7.72
N GLY A 345 5.56 -8.20 -8.72
CA GLY A 345 5.10 -8.09 -10.08
C GLY A 345 5.91 -7.03 -10.81
N PHE A 346 5.30 -6.45 -11.84
CA PHE A 346 5.96 -5.49 -12.67
C PHE A 346 5.01 -4.35 -12.99
N ILE A 347 5.59 -3.20 -13.32
CA ILE A 347 4.89 -2.11 -13.98
CA ILE A 347 4.84 -2.18 -14.03
C ILE A 347 5.59 -1.85 -15.31
N ILE A 348 4.84 -1.42 -16.32
CA ILE A 348 5.42 -0.88 -17.53
C ILE A 348 4.96 0.56 -17.61
N LYS A 349 5.90 1.48 -17.73
CA LYS A 349 5.54 2.89 -17.86
C LYS A 349 5.38 3.30 -19.32
N GLY A 350 4.49 4.25 -19.55
CA GLY A 350 4.36 4.88 -20.85
C GLY A 350 5.38 6.00 -21.05
N ARG A 351 5.18 6.74 -22.14
CA ARG A 351 5.97 7.95 -22.36
C ARG A 351 5.79 8.90 -21.18
N SER A 352 6.90 9.52 -20.75
CA SER A 352 6.89 10.35 -19.55
C SER A 352 7.77 11.59 -19.75
N HIS A 353 7.25 12.55 -20.51
CA HIS A 353 7.86 13.89 -20.60
C HIS A 353 7.16 14.79 -19.58
N LEU A 354 7.51 14.58 -18.32
CA LEU A 354 6.84 15.26 -17.21
C LEU A 354 7.41 16.67 -17.08
N ARG A 355 6.76 17.62 -17.76
CA ARG A 355 7.21 19.00 -17.70
C ARG A 355 6.94 19.66 -16.34
N ASN A 356 5.99 19.15 -15.55
CA ASN A 356 5.67 19.77 -14.28
C ASN A 356 5.15 18.72 -13.31
N ASP A 357 4.83 19.17 -12.10
CA ASP A 357 4.47 18.25 -11.02
C ASP A 357 3.19 17.49 -11.30
N THR A 358 2.26 18.08 -12.05
CA THR A 358 0.95 17.46 -12.27
C THR A 358 0.85 16.72 -13.58
N ASP A 359 1.88 16.76 -14.42
CA ASP A 359 1.86 15.92 -15.61
C ASP A 359 1.81 14.44 -15.22
N VAL A 360 0.98 13.69 -15.95
CA VAL A 360 0.69 12.30 -15.65
C VAL A 360 1.55 11.40 -16.53
N VAL A 361 2.12 10.37 -15.92
CA VAL A 361 2.71 9.26 -16.64
C VAL A 361 1.82 8.03 -16.42
N ASN A 362 1.38 7.41 -17.51
CA ASN A 362 0.54 6.23 -17.44
C ASN A 362 1.40 4.99 -17.26
N PHE A 363 0.81 3.94 -16.68
CA PHE A 363 1.52 2.69 -16.55
C PHE A 363 0.54 1.54 -16.48
N VAL A 364 1.05 0.35 -16.78
CA VAL A 364 0.32 -0.90 -16.63
C VAL A 364 0.97 -1.65 -15.49
N SER A 365 0.18 -2.01 -14.48
CA SER A 365 0.66 -2.83 -13.37
C SER A 365 0.20 -4.26 -13.57
N MET A 366 1.11 -5.21 -13.28
CA MET A 366 0.85 -6.64 -13.37
C MET A 366 1.33 -7.29 -12.08
N GLU A 367 0.40 -7.78 -11.26
CA GLU A 367 0.73 -8.11 -9.87
C GLU A 367 0.25 -9.52 -9.51
N PHE A 368 1.16 -10.32 -8.97
CA PHE A 368 0.81 -11.67 -8.55
C PHE A 368 -0.16 -11.63 -7.38
N SER A 369 -1.02 -12.66 -7.31
CA SER A 369 -1.91 -12.78 -6.17
C SER A 369 -2.40 -14.21 -6.07
N LEU A 370 -2.77 -14.59 -4.84
CA LEU A 370 -3.52 -15.81 -4.62
C LEU A 370 -5.00 -15.55 -4.46
N THR A 371 -5.43 -14.28 -4.49
CA THR A 371 -6.85 -13.97 -4.32
C THR A 371 -7.61 -14.31 -5.60
N ASP A 372 -8.55 -15.24 -5.50
CA ASP A 372 -9.48 -15.50 -6.60
C ASP A 372 -10.42 -14.31 -6.77
N PRO A 373 -10.32 -13.54 -7.87
CA PRO A 373 -11.16 -12.34 -8.00
C PRO A 373 -12.65 -12.62 -8.10
N ARG A 374 -13.05 -13.87 -8.33
CA ARG A 374 -14.47 -14.14 -8.51
C ARG A 374 -15.24 -14.13 -7.19
N LEU A 375 -14.55 -14.00 -6.04
CA LEU A 375 -15.23 -13.97 -4.75
C LEU A 375 -15.76 -12.58 -4.43
N GLU A 376 -15.01 -11.53 -4.78
CA GLU A 376 -15.44 -10.13 -4.59
C GLU A 376 -15.28 -9.39 -5.89
N PRO A 377 -16.08 -9.71 -6.91
CA PRO A 377 -15.84 -9.08 -8.23
C PRO A 377 -15.90 -7.57 -8.18
N HIS A 378 -16.82 -7.01 -7.38
CA HIS A 378 -16.93 -5.55 -7.26
C HIS A 378 -15.61 -4.91 -6.84
N LYS A 379 -14.79 -5.60 -6.04
CA LYS A 379 -13.51 -5.04 -5.65
C LYS A 379 -12.64 -4.78 -6.88
N TRP A 380 -12.78 -5.57 -7.94
CA TRP A 380 -11.84 -5.58 -9.04
C TRP A 380 -12.40 -4.99 -10.33
N GLU A 381 -13.33 -4.03 -10.19
CA GLU A 381 -13.90 -3.35 -11.34
C GLU A 381 -12.83 -2.80 -12.29
N LYS A 382 -11.70 -2.32 -11.75
CA LYS A 382 -10.74 -1.64 -12.60
C LYS A 382 -9.68 -2.58 -13.19
N TYR A 383 -9.79 -3.89 -12.98
CA TYR A 383 -8.76 -4.85 -13.33
C TYR A 383 -9.25 -5.88 -14.33
N CYS A 384 -8.31 -6.38 -15.12
CA CYS A 384 -8.43 -7.66 -15.81
C CYS A 384 -7.56 -8.65 -15.05
N VAL A 385 -8.09 -9.81 -14.72
CA VAL A 385 -7.38 -10.75 -13.87
C VAL A 385 -7.11 -12.04 -14.64
N LEU A 386 -5.85 -12.45 -14.64
CA LEU A 386 -5.40 -13.64 -15.36
C LEU A 386 -5.10 -14.73 -14.34
N GLU A 387 -5.28 -15.97 -14.78
CA GLU A 387 -4.70 -17.11 -14.06
C GLU A 387 -3.45 -17.51 -14.81
N VAL A 388 -2.33 -17.62 -14.09
CA VAL A 388 -1.03 -17.73 -14.73
C VAL A 388 -0.19 -18.86 -14.15
N GLY A 389 -0.67 -19.52 -13.10
CA GLY A 389 0.13 -20.57 -12.50
C GLY A 389 -0.61 -21.33 -11.42
N ASP A 390 0.10 -22.30 -10.84
CA ASP A 390 -0.38 -23.06 -9.70
C ASP A 390 0.76 -23.18 -8.70
N MET A 391 0.48 -22.84 -7.44
CA MET A 391 1.53 -22.78 -6.44
C MET A 391 1.29 -23.79 -5.33
N LEU A 392 2.35 -24.47 -4.92
CA LEU A 392 2.28 -25.47 -3.85
C LEU A 392 2.57 -24.79 -2.52
N LEU A 393 1.69 -25.02 -1.53
CA LEU A 393 1.68 -24.22 -0.31
C LEU A 393 1.57 -25.10 0.94
N ARG A 394 2.32 -24.71 1.97
CA ARG A 394 2.07 -25.22 3.31
C ARG A 394 0.83 -24.52 3.88
N SER A 395 -0.08 -25.30 4.46
CA SER A 395 -1.28 -24.72 5.05
C SER A 395 -1.65 -25.50 6.29
N ALA A 396 -2.74 -25.09 6.92
CA ALA A 396 -3.24 -25.78 8.10
C ALA A 396 -3.81 -27.18 7.79
N ILE A 397 -3.82 -27.63 6.53
CA ILE A 397 -4.15 -29.02 6.20
C ILE A 397 -3.05 -29.62 5.33
N GLY A 398 -1.80 -29.30 5.62
CA GLY A 398 -0.70 -29.83 4.86
C GLY A 398 -0.57 -29.15 3.50
N HIS A 399 0.17 -29.82 2.63
CA HIS A 399 0.45 -29.27 1.30
C HIS A 399 -0.83 -29.16 0.49
N VAL A 400 -1.04 -27.98 -0.10
CA VAL A 400 -2.15 -27.74 -0.99
C VAL A 400 -1.66 -26.94 -2.20
N SER A 401 -2.29 -27.19 -3.34
CA SER A 401 -2.00 -26.46 -4.57
C SER A 401 -3.12 -25.46 -4.81
N ARG A 402 -2.75 -24.21 -5.01
CA ARG A 402 -3.72 -23.15 -5.24
C ARG A 402 -3.36 -22.37 -6.50
N PRO A 403 -4.36 -21.94 -7.26
CA PRO A 403 -4.06 -21.15 -8.46
C PRO A 403 -3.40 -19.82 -8.11
N MET A 404 -2.55 -19.36 -9.03
CA MET A 404 -1.88 -18.07 -8.90
C MET A 404 -2.45 -17.14 -9.94
N PHE A 405 -2.77 -15.93 -9.54
CA PHE A 405 -3.43 -15.00 -10.44
C PHE A 405 -2.50 -13.84 -10.76
N LEU A 406 -2.89 -13.05 -11.75
CA LEU A 406 -2.17 -11.86 -12.14
C LEU A 406 -3.20 -10.75 -12.30
N TYR A 407 -3.13 -9.75 -11.44
CA TYR A 407 -4.02 -8.60 -11.50
C TYR A 407 -3.38 -7.52 -12.37
N VAL A 408 -4.08 -7.15 -13.44
CA VAL A 408 -3.61 -6.21 -14.45
C VAL A 408 -4.58 -5.05 -14.50
N ARG A 409 -4.04 -3.83 -14.42
CA ARG A 409 -4.82 -2.65 -14.75
C ARG A 409 -3.89 -1.58 -15.32
N THR A 410 -4.49 -0.62 -16.00
CA THR A 410 -3.77 0.58 -16.38
C THR A 410 -4.02 1.64 -15.31
N ASN A 411 -3.04 2.50 -15.11
CA ASN A 411 -3.12 3.46 -14.03
C ASN A 411 -2.28 4.66 -14.45
N GLY A 412 -2.25 5.67 -13.60
CA GLY A 412 -1.45 6.85 -13.87
C GLY A 412 -1.06 7.48 -12.56
N THR A 413 0.02 8.26 -12.62
CA THR A 413 0.46 9.02 -11.45
C THR A 413 1.21 10.24 -11.97
N SER A 414 1.55 11.14 -11.07
CA SER A 414 2.20 12.38 -11.46
C SER A 414 3.50 12.54 -10.68
N LYS A 415 4.29 13.53 -11.10
CA LYS A 415 5.53 13.83 -10.40
C LYS A 415 5.27 14.09 -8.91
N ILE A 416 4.27 14.92 -8.59
CA ILE A 416 4.05 15.27 -7.19
C ILE A 416 3.58 14.06 -6.38
N LYS A 417 2.74 13.20 -6.96
CA LYS A 417 2.36 11.99 -6.21
C LYS A 417 3.52 11.01 -6.07
N MET A 418 4.45 10.99 -7.04
CA MET A 418 5.59 10.09 -6.87
C MET A 418 6.53 10.61 -5.80
N LYS A 419 6.65 11.93 -5.69
CA LYS A 419 7.45 12.52 -4.63
C LYS A 419 6.85 12.21 -3.26
N TRP A 420 5.52 12.24 -3.13
CA TRP A 420 4.89 11.83 -1.87
C TRP A 420 5.12 10.33 -1.62
N GLY A 421 4.98 9.51 -2.66
CA GLY A 421 5.26 8.09 -2.49
C GLY A 421 6.67 7.83 -1.98
N MET A 422 7.65 8.63 -2.43
CA MET A 422 9.01 8.49 -1.92
C MET A 422 9.12 8.93 -0.47
N GLU A 423 8.18 9.70 0.04
CA GLU A 423 8.23 10.20 1.40
C GLU A 423 7.42 9.37 2.39
N MET A 424 6.98 8.16 2.03
CA MET A 424 6.06 7.42 2.90
C MET A 424 6.67 7.02 4.24
N ARG A 425 8.00 7.07 4.38
CA ARG A 425 8.62 6.79 5.67
C ARG A 425 8.24 7.82 6.73
N ARG A 426 7.82 9.01 6.31
CA ARG A 426 7.26 10.00 7.24
C ARG A 426 6.02 9.48 7.96
N CYS A 427 5.29 8.51 7.40
CA CYS A 427 4.21 7.89 8.15
C CYS A 427 4.71 7.31 9.46
N LEU A 428 5.87 6.63 9.42
CA LEU A 428 6.50 6.17 10.64
C LEU A 428 6.75 7.33 11.59
N LEU A 429 7.22 8.46 11.07
CA LEU A 429 7.58 9.58 11.94
C LEU A 429 6.33 10.29 12.47
N GLN A 430 5.29 10.43 11.65
CA GLN A 430 4.05 11.04 12.09
C GLN A 430 3.34 10.20 13.15
N SER A 431 3.37 8.87 12.99
CA SER A 431 2.76 7.97 13.96
C SER A 431 3.49 8.00 15.29
N LEU A 432 4.82 7.95 15.26
CA LEU A 432 5.58 8.09 16.49
C LEU A 432 5.21 9.36 17.21
N GLN A 433 5.04 10.46 16.47
CA GLN A 433 4.79 11.77 17.09
C GLN A 433 3.41 11.85 17.72
N GLN A 434 2.45 11.09 17.17
CA GLN A 434 1.16 10.98 17.85
C GLN A 434 1.30 10.17 19.14
N ILE A 435 2.17 9.17 19.14
CA ILE A 435 2.44 8.43 20.37
C ILE A 435 3.15 9.32 21.37
N GLU A 436 4.12 10.13 20.91
CA GLU A 436 4.87 10.98 21.81
C GLU A 436 4.00 12.07 22.44
N SER A 437 2.94 12.49 21.74
CA SER A 437 2.00 13.41 22.37
C SER A 437 1.31 12.76 23.57
N MET A 438 0.87 11.51 23.41
CA MET A 438 0.21 10.82 24.50
C MET A 438 1.15 10.62 25.69
N ILE A 439 2.43 10.38 25.42
CA ILE A 439 3.39 10.16 26.51
C ILE A 439 3.66 11.46 27.25
N GLU A 440 3.80 12.56 26.52
CA GLU A 440 4.06 13.86 27.14
C GLU A 440 2.83 14.44 27.82
N ALA A 441 1.64 13.89 27.57
CA ALA A 441 0.46 14.27 28.33
C ALA A 441 0.43 13.56 29.67
N GLU A 442 0.61 12.23 29.66
CA GLU A 442 0.73 11.49 30.91
C GLU A 442 1.91 11.96 31.74
N SER A 443 2.96 12.49 31.09
CA SER A 443 4.17 12.91 31.80
C SER A 443 3.99 14.24 32.51
N SER A 444 3.36 15.22 31.85
CA SER A 444 3.06 16.48 32.51
C SER A 444 2.24 16.27 33.76
N VAL A 445 1.29 15.33 33.70
CA VAL A 445 0.40 15.07 34.83
C VAL A 445 1.16 14.43 35.98
N LYS A 446 2.14 13.57 35.68
CA LYS A 446 2.86 12.85 36.71
C LYS A 446 4.14 13.54 37.15
N GLU A 447 4.47 14.70 36.57
CA GLU A 447 5.69 15.44 36.90
C GLU A 447 6.94 14.56 36.73
N LYS A 448 6.86 13.60 35.81
CA LYS A 448 7.87 12.58 35.62
C LYS A 448 7.70 12.02 34.21
N ASP A 449 8.81 11.64 33.57
CA ASP A 449 8.72 11.06 32.24
C ASP A 449 8.11 9.67 32.30
N MET A 450 7.07 9.46 31.49
CA MET A 450 6.26 8.25 31.53
C MET A 450 6.51 7.32 30.35
N THR A 451 7.68 7.42 29.70
CA THR A 451 7.94 6.62 28.50
C THR A 451 7.92 5.13 28.82
N LYS A 452 8.73 4.70 29.80
CA LYS A 452 8.77 3.28 30.17
C LYS A 452 7.40 2.78 30.57
N GLU A 453 6.73 3.47 31.50
CA GLU A 453 5.43 3.01 31.97
C GLU A 453 4.41 2.95 30.84
N PHE A 454 4.54 3.81 29.84
CA PHE A 454 3.60 3.79 28.72
C PHE A 454 3.82 2.56 27.84
N PHE A 455 5.05 2.35 27.38
CA PHE A 455 5.29 1.26 26.42
C PHE A 455 5.28 -0.10 27.08
N GLU A 456 5.62 -0.18 28.36
CA GLU A 456 5.57 -1.47 29.03
C GLU A 456 4.23 -1.70 29.73
N ASN A 457 3.33 -0.72 29.67
CA ASN A 457 1.96 -0.85 30.19
C ASN A 457 1.97 -1.26 31.66
N LYS A 458 2.61 -0.43 32.48
CA LYS A 458 2.77 -0.68 33.91
C LYS A 458 2.10 0.41 34.72
N SER A 467 -5.06 7.15 36.87
CA SER A 467 -4.15 6.49 35.94
C SER A 467 -4.88 5.43 35.11
N PRO A 468 -4.49 5.25 33.85
CA PRO A 468 -5.21 4.30 32.99
C PRO A 468 -5.00 2.87 33.47
N LYS A 469 -6.06 2.06 33.38
CA LYS A 469 -6.05 0.68 33.84
C LYS A 469 -6.13 -0.33 32.69
N GLY A 470 -5.71 0.07 31.50
CA GLY A 470 -5.74 -0.83 30.37
C GLY A 470 -5.57 -0.10 29.06
N VAL A 471 -5.53 -0.89 27.99
CA VAL A 471 -5.38 -0.37 26.63
C VAL A 471 -6.57 -0.82 25.81
N GLU A 472 -7.29 0.14 25.23
CA GLU A 472 -8.57 -0.16 24.59
C GLU A 472 -8.41 -1.12 23.43
N GLU A 473 -7.40 -0.90 22.58
CA GLU A 473 -7.11 -1.82 21.47
C GLU A 473 -6.50 -3.14 21.93
N GLY A 474 -6.19 -3.30 23.22
CA GLY A 474 -5.68 -4.54 23.77
C GLY A 474 -4.20 -4.51 24.13
N SER A 475 -3.39 -3.75 23.41
CA SER A 475 -1.98 -3.65 23.75
C SER A 475 -1.46 -2.31 23.25
N ILE A 476 -0.33 -1.88 23.82
CA ILE A 476 0.39 -0.72 23.30
C ILE A 476 0.87 -0.99 21.89
N GLY A 477 1.26 -2.23 21.60
CA GLY A 477 1.67 -2.55 20.25
C GLY A 477 0.57 -2.31 19.24
N LYS A 478 -0.66 -2.68 19.60
CA LYS A 478 -1.76 -2.50 18.65
C LYS A 478 -2.10 -1.03 18.45
N VAL A 479 -1.92 -0.19 19.48
CA VAL A 479 -2.16 1.24 19.30
C VAL A 479 -1.18 1.83 18.28
N CYS A 480 0.11 1.54 18.44
CA CYS A 480 1.13 2.02 17.51
C CYS A 480 0.84 1.58 16.08
N ARG A 481 0.48 0.31 15.89
CA ARG A 481 0.25 -0.20 14.54
C ARG A 481 -1.07 0.33 13.96
N THR A 482 -2.04 0.64 14.83
CA THR A 482 -3.28 1.25 14.36
C THR A 482 -3.04 2.68 13.89
N LEU A 483 -2.35 3.49 14.71
CA LEU A 483 -1.98 4.84 14.27
C LEU A 483 -1.19 4.79 12.97
N LEU A 484 -0.22 3.89 12.87
CA LEU A 484 0.59 3.78 11.66
C LEU A 484 -0.27 3.43 10.44
N ALA A 485 -1.17 2.45 10.59
CA ALA A 485 -1.99 2.04 9.45
C ALA A 485 -2.87 3.19 8.97
N LYS A 486 -3.41 3.99 9.91
CA LYS A 486 -4.20 5.15 9.50
C LYS A 486 -3.36 6.13 8.68
N SER A 487 -2.13 6.41 9.13
CA SER A 487 -1.27 7.32 8.39
C SER A 487 -0.93 6.76 7.00
N VAL A 488 -0.59 5.47 6.93
CA VAL A 488 -0.23 4.87 5.65
C VAL A 488 -1.42 4.87 4.69
N PHE A 489 -2.60 4.51 5.19
CA PHE A 489 -3.78 4.49 4.33
C PHE A 489 -4.18 5.89 3.89
N ASN A 490 -3.95 6.89 4.73
CA ASN A 490 -4.12 8.27 4.28
C ASN A 490 -3.23 8.59 3.10
N SER A 491 -2.04 8.01 3.08
CA SER A 491 -1.13 8.24 1.98
C SER A 491 -1.48 7.38 0.77
N LEU A 492 -1.80 6.09 1.00
CA LEU A 492 -2.17 5.19 -0.09
C LEU A 492 -3.46 5.60 -0.78
N TYR A 493 -4.39 6.21 -0.05
CA TYR A 493 -5.72 6.52 -0.54
C TYR A 493 -5.98 8.02 -0.49
N ALA A 494 -4.93 8.83 -0.69
CA ALA A 494 -5.08 10.28 -0.67
C ALA A 494 -6.08 10.75 -1.73
N SER A 495 -6.84 11.78 -1.40
CA SER A 495 -7.86 12.33 -2.28
C SER A 495 -8.37 13.64 -1.69
N PRO A 496 -8.93 14.51 -2.52
CA PRO A 496 -9.61 15.69 -1.96
C PRO A 496 -10.84 15.34 -1.14
N GLN A 497 -11.51 14.21 -1.44
CA GLN A 497 -12.58 13.71 -0.58
C GLN A 497 -12.06 13.47 0.84
N LEU A 498 -10.91 12.80 0.96
CA LEU A 498 -10.32 12.57 2.27
C LEU A 498 -9.97 13.89 2.95
N GLU A 499 -9.39 14.82 2.20
CA GLU A 499 -9.02 16.11 2.76
C GLU A 499 -10.24 16.87 3.26
N GLY A 500 -11.27 16.96 2.43
CA GLY A 500 -12.49 17.62 2.87
C GLY A 500 -13.11 16.93 4.06
N PHE A 501 -13.19 15.59 4.02
CA PHE A 501 -13.80 14.85 5.12
C PHE A 501 -13.03 15.07 6.42
N SER A 502 -11.70 15.12 6.35
CA SER A 502 -10.90 15.24 7.57
C SER A 502 -11.13 16.58 8.24
N ALA A 503 -11.13 17.66 7.46
CA ALA A 503 -11.28 18.98 8.04
C ALA A 503 -12.69 19.17 8.61
N GLU A 504 -13.71 18.78 7.84
CA GLU A 504 -15.08 19.07 8.23
C GLU A 504 -15.60 18.09 9.28
N SER A 505 -15.13 16.84 9.27
CA SER A 505 -15.55 15.93 10.32
C SER A 505 -14.95 16.33 11.67
N ARG A 506 -13.76 16.92 11.68
CA ARG A 506 -13.17 17.35 12.94
C ARG A 506 -14.00 18.47 13.56
N LYS A 507 -14.52 19.37 12.71
CA LYS A 507 -15.38 20.44 13.22
C LYS A 507 -16.63 19.86 13.89
N LEU A 508 -17.31 18.94 13.20
CA LEU A 508 -18.49 18.32 13.80
C LEU A 508 -18.12 17.50 15.03
N LEU A 509 -16.89 16.98 15.08
CA LEU A 509 -16.43 16.24 16.26
C LEU A 509 -16.40 17.13 17.49
N LEU A 510 -15.63 18.21 17.44
CA LEU A 510 -15.49 19.10 18.58
C LEU A 510 -16.85 19.65 19.03
N ILE A 511 -17.76 19.88 18.10
CA ILE A 511 -19.07 20.44 18.45
C ILE A 511 -19.90 19.41 19.23
N VAL A 512 -19.91 18.15 18.78
CA VAL A 512 -20.65 17.14 19.54
C VAL A 512 -19.92 16.81 20.85
N GLN A 513 -18.59 16.90 20.86
CA GLN A 513 -17.87 16.72 22.12
C GLN A 513 -18.28 17.75 23.14
N ALA A 514 -18.37 19.02 22.73
CA ALA A 514 -18.77 20.06 23.66
C ALA A 514 -20.23 19.92 24.07
N LEU A 515 -21.09 19.38 23.19
CA LEU A 515 -22.49 19.14 23.56
C LEU A 515 -22.63 17.93 24.48
N ARG A 516 -21.80 16.91 24.29
CA ARG A 516 -21.88 15.72 25.14
C ARG A 516 -21.39 16.03 26.55
N ASP A 517 -20.32 16.81 26.68
CA ASP A 517 -19.76 17.11 27.98
C ASP A 517 -20.56 18.12 28.79
N ASN A 518 -21.48 18.86 28.15
CA ASN A 518 -22.19 19.94 28.83
C ASN A 518 -23.71 19.82 28.74
N LEU A 519 -24.24 18.73 28.20
CA LEU A 519 -25.69 18.49 28.21
C LEU A 519 -25.97 17.04 28.63
N GLY A 527 -27.29 20.91 10.02
CA GLY A 527 -27.09 21.01 8.59
C GLY A 527 -26.04 22.03 8.20
N GLY A 528 -25.66 22.05 6.92
CA GLY A 528 -24.62 22.95 6.45
C GLY A 528 -23.24 22.37 6.62
N LEU A 529 -22.82 22.18 7.88
CA LEU A 529 -21.60 21.43 8.14
C LEU A 529 -21.76 19.97 7.72
N TYR A 530 -22.97 19.44 7.82
CA TYR A 530 -23.26 18.09 7.34
C TYR A 530 -23.13 18.00 5.82
N GLU A 531 -23.74 18.94 5.10
CA GLU A 531 -23.60 18.96 3.64
C GLU A 531 -22.14 19.09 3.24
N ALA A 532 -21.33 19.77 4.04
CA ALA A 532 -19.90 19.88 3.73
C ALA A 532 -19.23 18.51 3.87
N ILE A 533 -19.46 17.81 4.98
CA ILE A 533 -18.90 16.48 5.15
C ILE A 533 -19.45 15.53 4.10
N GLU A 534 -20.78 15.44 4.01
CA GLU A 534 -21.41 14.43 3.17
C GLU A 534 -21.18 14.68 1.68
N GLU A 535 -20.80 15.89 1.27
CA GLU A 535 -20.40 16.09 -0.13
C GLU A 535 -19.05 15.47 -0.43
N CYS A 536 -18.35 14.96 0.58
CA CYS A 536 -17.14 14.18 0.37
C CYS A 536 -17.40 12.68 0.34
N LEU A 537 -18.64 12.26 0.60
CA LEU A 537 -19.01 10.84 0.67
C LEU A 537 -19.64 10.44 -0.66
N ILE A 538 -18.78 10.13 -1.64
CA ILE A 538 -19.21 9.87 -3.00
C ILE A 538 -18.95 8.42 -3.37
N ASN A 539 -17.68 8.05 -3.44
CA ASN A 539 -17.35 6.69 -3.88
C ASN A 539 -16.02 6.16 -3.36
N ASP A 540 -15.30 6.87 -2.49
CA ASP A 540 -13.94 6.48 -2.12
C ASP A 540 -13.95 5.51 -0.95
N PRO A 541 -13.38 4.31 -1.10
CA PRO A 541 -13.46 3.33 0.01
C PRO A 541 -12.91 3.83 1.33
N TRP A 542 -11.76 4.49 1.31
CA TRP A 542 -11.12 4.94 2.55
C TRP A 542 -11.96 6.01 3.24
N VAL A 543 -12.46 6.98 2.48
CA VAL A 543 -13.32 8.02 3.04
C VAL A 543 -14.60 7.40 3.59
N LEU A 544 -15.25 6.53 2.81
CA LEU A 544 -16.49 5.90 3.26
C LEU A 544 -16.28 5.13 4.56
N LEU A 545 -15.18 4.36 4.65
CA LEU A 545 -14.87 3.64 5.87
C LEU A 545 -14.73 4.60 7.05
N ASN A 546 -13.95 5.68 6.87
CA ASN A 546 -13.75 6.66 7.95
C ASN A 546 -15.07 7.34 8.34
N ALA A 547 -15.98 7.52 7.38
CA ALA A 547 -17.31 8.01 7.73
C ALA A 547 -18.08 6.97 8.55
N SER A 548 -18.00 5.69 8.15
CA SER A 548 -18.58 4.62 8.94
C SER A 548 -18.02 4.60 10.36
N TRP A 549 -16.71 4.88 10.51
CA TRP A 549 -16.10 4.91 11.84
C TRP A 549 -16.60 6.11 12.62
N PHE A 550 -16.75 7.24 11.94
CA PHE A 550 -17.26 8.46 12.58
C PHE A 550 -18.66 8.22 13.13
N ASN A 551 -19.48 7.45 12.41
CA ASN A 551 -20.84 7.20 12.86
C ASN A 551 -20.86 6.34 14.12
N SER A 552 -19.90 5.42 14.27
CA SER A 552 -19.77 4.71 15.54
C SER A 552 -19.39 5.66 16.67
N PHE A 553 -18.50 6.61 16.39
CA PHE A 553 -18.14 7.60 17.41
C PHE A 553 -19.32 8.49 17.77
N LEU A 554 -20.39 8.48 16.97
CA LEU A 554 -21.60 9.25 17.25
C LEU A 554 -22.61 8.45 18.06
N THR A 555 -22.94 7.24 17.60
CA THR A 555 -23.81 6.34 18.36
C THR A 555 -23.28 6.12 19.77
N HIS A 556 -21.97 6.13 19.94
CA HIS A 556 -21.37 6.11 21.27
C HIS A 556 -21.14 7.52 21.80
#